data_5FFX
#
_entry.id   5FFX
#
_cell.length_a   32.297
_cell.length_b   96.461
_cell.length_c   109.486
_cell.angle_alpha   90.00
_cell.angle_beta   90.66
_cell.angle_gamma   90.00
#
_symmetry.space_group_name_H-M   'P 1 21 1'
#
loop_
_entity.id
_entity.type
_entity.pdbx_description
1 polymer 'MarR family regulatory protein'
2 non-polymer 'SULFATE ION'
3 non-polymer GLYCEROL
4 water water
#
_entity_poly.entity_id   1
_entity_poly.type   'polypeptide(L)'
_entity_poly.pdbx_seq_one_letter_code
;MHHHHHHSSGVDLGTENLYFQSNEFTYSYLFRMISHEMKQKADQKLEQFDITNEQKHTLGYLYAHQQDGLTQNDIAKALQ
RTGPTVSNLLRNLERKKLIYRYVDAQDTRRKNIGLTTSGIKLVEAFTSIFDEMEQTLVSQLSEEENEQMKANLTKMLSSL
Q
;
_entity_poly.pdbx_strand_id   A,D,B,C
#
loop_
_chem_comp.id
_chem_comp.type
_chem_comp.name
_chem_comp.formula
GOL non-polymer GLYCEROL 'C3 H8 O3'
SO4 non-polymer 'SULFATE ION' 'O4 S -2'
#
# COMPACT_ATOMS: atom_id res chain seq x y z
N GLU A 24 -37.90 7.02 -1.51
CA GLU A 24 -38.00 5.69 -0.93
C GLU A 24 -37.60 5.75 0.55
N PHE A 25 -36.32 5.96 0.80
CA PHE A 25 -35.79 6.08 2.15
C PHE A 25 -35.30 7.50 2.38
N THR A 26 -35.41 7.97 3.62
CA THR A 26 -34.81 9.25 3.96
C THR A 26 -33.32 9.07 4.22
N TYR A 27 -32.57 10.17 4.19
CA TYR A 27 -31.17 10.13 4.61
C TYR A 27 -31.06 9.74 6.08
N SER A 28 -31.97 10.24 6.91
N SER A 28 -31.97 10.22 6.91
CA SER A 28 -31.93 9.88 8.32
CA SER A 28 -31.90 9.88 8.33
C SER A 28 -31.92 8.37 8.45
C SER A 28 -31.97 8.37 8.52
N TYR A 29 -32.86 7.71 7.77
CA TYR A 29 -32.98 6.25 7.82
C TYR A 29 -31.73 5.58 7.26
N LEU A 30 -31.29 6.00 6.08
CA LEU A 30 -30.13 5.38 5.43
C LEU A 30 -28.88 5.46 6.30
N PHE A 31 -28.57 6.64 6.82
CA PHE A 31 -27.38 6.77 7.65
C PHE A 31 -27.50 6.00 8.97
N ARG A 32 -28.69 5.96 9.57
CA ARG A 32 -28.86 5.19 10.81
C ARG A 32 -28.66 3.70 10.56
N MET A 33 -29.21 3.19 9.47
CA MET A 33 -29.11 1.77 9.14
C MET A 33 -27.69 1.41 8.74
N ILE A 34 -27.04 2.27 7.98
CA ILE A 34 -25.63 2.06 7.64
C ILE A 34 -24.75 2.02 8.90
N SER A 35 -24.97 2.95 9.82
CA SER A 35 -24.25 2.93 11.10
C SER A 35 -24.43 1.61 11.82
N HIS A 36 -25.69 1.18 11.91
CA HIS A 36 -25.98 -0.08 12.58
C HIS A 36 -25.33 -1.27 11.89
N GLU A 37 -25.43 -1.32 10.56
CA GLU A 37 -24.93 -2.46 9.79
C GLU A 37 -23.39 -2.51 9.71
N MET A 38 -22.76 -1.35 9.69
N MET A 38 -22.75 -1.35 9.70
CA MET A 38 -21.30 -1.28 9.77
CA MET A 38 -21.28 -1.34 9.75
C MET A 38 -20.84 -1.95 11.07
C MET A 38 -20.78 -1.88 11.09
N LYS A 39 -21.49 -1.58 12.17
CA LYS A 39 -21.13 -2.13 13.49
C LYS A 39 -21.35 -3.64 13.49
N GLN A 40 -22.50 -4.07 12.98
CA GLN A 40 -22.79 -5.51 12.87
C GLN A 40 -21.78 -6.29 12.02
N LYS A 41 -21.40 -5.71 10.88
CA LYS A 41 -20.44 -6.36 9.98
C LYS A 41 -19.06 -6.44 10.62
N ALA A 42 -18.64 -5.36 11.29
CA ALA A 42 -17.35 -5.40 11.99
C ALA A 42 -17.36 -6.48 13.07
N ASP A 43 -18.48 -6.60 13.79
CA ASP A 43 -18.60 -7.63 14.81
C ASP A 43 -18.52 -9.03 14.22
N GLN A 44 -19.19 -9.24 13.09
N GLN A 44 -19.16 -9.22 13.07
CA GLN A 44 -19.16 -10.51 12.38
CA GLN A 44 -19.16 -10.52 12.40
C GLN A 44 -17.73 -10.87 12.01
C GLN A 44 -17.77 -10.89 11.91
N LYS A 45 -17.03 -9.90 11.43
CA LYS A 45 -15.66 -10.13 11.00
C LYS A 45 -14.74 -10.40 12.18
N LEU A 46 -15.01 -9.76 13.31
CA LEU A 46 -14.21 -9.98 14.51
C LEU A 46 -14.48 -11.40 15.02
N GLU A 47 -15.73 -11.82 14.95
CA GLU A 47 -16.06 -13.17 15.40
C GLU A 47 -15.44 -14.26 14.52
N GLN A 48 -15.01 -13.93 13.30
CA GLN A 48 -14.22 -14.88 12.50
C GLN A 48 -12.85 -15.22 13.12
N PHE A 49 -12.34 -14.32 13.97
CA PHE A 49 -11.15 -14.58 14.78
C PHE A 49 -11.52 -15.22 16.11
N ASP A 50 -12.80 -15.55 16.30
CA ASP A 50 -13.31 -16.12 17.57
C ASP A 50 -13.09 -15.18 18.73
N ILE A 51 -13.28 -13.89 18.49
CA ILE A 51 -13.09 -12.85 19.48
C ILE A 51 -14.39 -12.04 19.63
N THR A 52 -14.80 -11.74 20.87
CA THR A 52 -15.93 -10.86 21.09
C THR A 52 -15.47 -9.41 21.23
N ASN A 53 -16.41 -8.47 21.19
N ASN A 53 -16.40 -8.48 21.11
CA ASN A 53 -16.02 -7.07 21.40
CA ASN A 53 -16.03 -7.07 21.17
C ASN A 53 -15.33 -6.83 22.75
C ASN A 53 -15.32 -6.73 22.48
N GLU A 54 -15.90 -7.36 23.82
N GLU A 54 -15.78 -7.33 23.58
CA GLU A 54 -15.27 -7.23 25.13
CA GLU A 54 -15.16 -7.03 24.87
C GLU A 54 -13.85 -7.78 25.15
C GLU A 54 -13.80 -7.71 25.03
N GLN A 55 -13.65 -8.90 24.45
CA GLN A 55 -12.35 -9.55 24.43
C GLN A 55 -11.37 -8.69 23.63
N LYS A 56 -11.84 -8.11 22.52
CA LYS A 56 -10.99 -7.22 21.72
C LYS A 56 -10.53 -6.02 22.53
N HIS A 57 -11.45 -5.45 23.31
CA HIS A 57 -11.10 -4.30 24.12
C HIS A 57 -10.09 -4.66 25.21
N THR A 58 -10.23 -5.87 25.75
CA THR A 58 -9.29 -6.34 26.76
C THR A 58 -7.91 -6.51 26.15
N LEU A 59 -7.83 -7.24 25.04
CA LEU A 59 -6.54 -7.44 24.38
C LEU A 59 -5.91 -6.11 23.97
N GLY A 60 -6.73 -5.19 23.47
CA GLY A 60 -6.23 -3.88 23.07
C GLY A 60 -5.73 -3.04 24.22
N TYR A 61 -6.40 -3.15 25.36
CA TYR A 61 -5.96 -2.45 26.56
C TYR A 61 -4.59 -2.96 26.99
N LEU A 62 -4.40 -4.28 27.00
CA LEU A 62 -3.10 -4.84 27.36
C LEU A 62 -2.03 -4.40 26.37
N TYR A 63 -2.37 -4.45 25.07
CA TYR A 63 -1.41 -4.07 24.03
C TYR A 63 -0.85 -2.67 24.28
N ALA A 64 -1.76 -1.75 24.63
CA ALA A 64 -1.39 -0.36 24.80
C ALA A 64 -0.77 -0.04 26.16
N HIS A 65 -1.11 -0.81 27.18
CA HIS A 65 -0.85 -0.37 28.55
C HIS A 65 -0.09 -1.34 29.43
N GLN A 66 0.43 -2.44 28.87
CA GLN A 66 1.11 -3.44 29.72
C GLN A 66 2.55 -3.12 30.15
N GLN A 67 3.12 -1.98 29.73
N GLN A 67 3.08 -1.96 29.75
CA GLN A 67 4.57 -1.76 29.90
CA GLN A 67 4.51 -1.66 29.88
C GLN A 67 5.07 -1.77 31.34
C GLN A 67 5.07 -1.63 31.31
N ASP A 68 4.21 -1.44 32.29
CA ASP A 68 4.63 -1.42 33.68
C ASP A 68 4.12 -2.58 34.53
N GLY A 69 3.26 -3.40 33.97
CA GLY A 69 2.68 -4.48 34.75
C GLY A 69 1.28 -4.16 35.25
N LEU A 70 0.28 -4.88 34.74
CA LEU A 70 -1.13 -4.63 35.04
C LEU A 70 -1.72 -5.80 35.80
N THR A 71 -2.49 -5.51 36.85
CA THR A 71 -3.22 -6.57 37.52
C THR A 71 -4.64 -6.68 37.01
N GLN A 72 -5.36 -7.73 37.42
CA GLN A 72 -6.76 -7.86 37.06
C GLN A 72 -7.55 -6.64 37.52
N ASN A 73 -7.26 -6.16 38.73
CA ASN A 73 -7.95 -5.00 39.27
C ASN A 73 -7.70 -3.76 38.40
N ASP A 74 -6.45 -3.58 37.95
CA ASP A 74 -6.15 -2.45 37.05
C ASP A 74 -7.02 -2.53 35.81
N ILE A 75 -7.11 -3.72 35.23
CA ILE A 75 -7.88 -3.94 33.99
C ILE A 75 -9.38 -3.70 34.23
N ALA A 76 -9.93 -4.25 35.32
CA ALA A 76 -11.33 -4.02 35.66
C ALA A 76 -11.64 -2.52 35.81
N LYS A 77 -10.75 -1.79 36.49
CA LYS A 77 -10.97 -0.36 36.69
C LYS A 77 -10.91 0.40 35.37
N ALA A 78 -9.96 0.01 34.50
CA ALA A 78 -9.79 0.70 33.22
C ALA A 78 -10.97 0.46 32.27
N LEU A 79 -11.46 -0.79 32.25
CA LEU A 79 -12.55 -1.17 31.36
C LEU A 79 -13.92 -0.91 31.97
N GLN A 80 -13.94 -0.53 33.24
CA GLN A 80 -15.21 -0.31 33.96
C GLN A 80 -16.10 -1.57 33.95
N ARG A 81 -15.51 -2.71 34.29
CA ARG A 81 -16.23 -3.98 34.33
C ARG A 81 -16.01 -4.59 35.72
N THR A 82 -16.84 -5.55 36.08
CA THR A 82 -16.68 -6.20 37.38
C THR A 82 -15.49 -7.16 37.41
N GLY A 83 -15.05 -7.50 38.62
CA GLY A 83 -14.01 -8.49 38.77
C GLY A 83 -14.35 -9.81 38.11
N PRO A 84 -15.58 -10.31 38.32
CA PRO A 84 -15.93 -11.59 37.68
C PRO A 84 -15.88 -11.52 36.16
N THR A 85 -16.35 -10.43 35.58
CA THR A 85 -16.29 -10.30 34.13
C THR A 85 -14.86 -10.38 33.63
N VAL A 86 -13.97 -9.64 34.27
CA VAL A 86 -12.57 -9.61 33.87
C VAL A 86 -11.90 -10.97 34.10
N SER A 87 -12.20 -11.62 35.22
CA SER A 87 -11.63 -12.93 35.48
C SER A 87 -12.04 -13.94 34.41
N ASN A 88 -13.31 -13.91 34.02
CA ASN A 88 -13.81 -14.81 33.00
C ASN A 88 -13.19 -14.50 31.63
N LEU A 89 -13.08 -13.23 31.29
CA LEU A 89 -12.44 -12.83 30.03
C LEU A 89 -11.02 -13.34 29.97
N LEU A 90 -10.26 -13.14 31.04
CA LEU A 90 -8.85 -13.49 31.02
C LEU A 90 -8.65 -15.00 30.99
N ARG A 91 -9.48 -15.74 31.70
N ARG A 91 -9.50 -15.73 31.70
CA ARG A 91 -9.36 -17.20 31.64
CA ARG A 91 -9.45 -17.20 31.69
C ARG A 91 -9.58 -17.67 30.22
C ARG A 91 -9.66 -17.73 30.28
N ASN A 92 -10.60 -17.13 29.57
CA ASN A 92 -10.93 -17.53 28.19
C ASN A 92 -9.73 -17.27 27.27
N LEU A 93 -9.17 -16.08 27.37
CA LEU A 93 -8.07 -15.67 26.51
C LEU A 93 -6.80 -16.46 26.79
N GLU A 94 -6.59 -16.81 28.05
CA GLU A 94 -5.41 -17.54 28.45
C GLU A 94 -5.43 -19.00 27.91
N ARG A 95 -6.63 -19.58 27.81
N ARG A 95 -6.62 -19.59 27.81
N ARG A 95 -6.61 -19.59 27.79
CA ARG A 95 -6.79 -20.92 27.26
CA ARG A 95 -6.72 -20.95 27.26
CA ARG A 95 -6.70 -20.95 27.27
C ARG A 95 -6.31 -20.98 25.82
C ARG A 95 -6.19 -20.96 25.84
C ARG A 95 -6.18 -20.96 25.84
N LYS A 96 -6.38 -19.85 25.13
CA LYS A 96 -5.89 -19.73 23.76
C LYS A 96 -4.47 -19.17 23.67
N LYS A 97 -3.81 -18.98 24.81
CA LYS A 97 -2.44 -18.51 24.87
C LYS A 97 -2.28 -17.12 24.29
N LEU A 98 -3.33 -16.31 24.43
CA LEU A 98 -3.27 -14.91 24.00
C LEU A 98 -2.82 -13.96 25.08
N ILE A 99 -2.92 -14.40 26.33
N ILE A 99 -2.94 -14.39 26.34
CA ILE A 99 -2.33 -13.66 27.43
CA ILE A 99 -2.46 -13.64 27.49
C ILE A 99 -1.55 -14.62 28.32
C ILE A 99 -1.66 -14.59 28.38
N TYR A 100 -0.78 -14.03 29.21
CA TYR A 100 -0.01 -14.81 30.18
C TYR A 100 0.03 -14.06 31.51
N ARG A 101 0.49 -14.71 32.57
CA ARG A 101 0.58 -14.05 33.87
C ARG A 101 1.95 -14.29 34.50
N TYR A 102 2.37 -13.37 35.37
CA TYR A 102 3.65 -13.49 36.07
C TYR A 102 3.53 -12.79 37.44
N VAL A 103 4.10 -13.41 38.48
N VAL A 103 4.14 -13.37 38.48
CA VAL A 103 3.99 -12.87 39.83
CA VAL A 103 3.94 -12.86 39.85
C VAL A 103 4.73 -11.54 39.91
C VAL A 103 4.83 -11.66 40.20
N ASP A 104 4.19 -10.60 40.68
CA ASP A 104 4.86 -9.32 40.88
C ASP A 104 5.79 -9.39 42.08
N ALA A 105 7.09 -9.36 41.84
CA ALA A 105 8.09 -9.62 42.86
C ALA A 105 8.10 -8.68 44.07
N GLN A 106 7.50 -7.50 43.95
CA GLN A 106 7.36 -6.60 45.10
C GLN A 106 5.94 -6.50 45.61
N ASP A 107 5.09 -7.42 45.15
CA ASP A 107 3.73 -7.54 45.66
C ASP A 107 3.21 -8.90 45.21
N THR A 108 3.67 -9.94 45.87
CA THR A 108 3.44 -11.32 45.42
C THR A 108 1.99 -11.75 45.57
N ARG A 109 1.19 -10.95 46.25
CA ARG A 109 -0.24 -11.22 46.34
C ARG A 109 -0.90 -10.84 45.02
N ARG A 110 -0.09 -10.43 44.05
CA ARG A 110 -0.66 -9.92 42.80
C ARG A 110 0.06 -10.50 41.61
N LYS A 111 -0.73 -10.87 40.60
CA LYS A 111 -0.16 -11.29 39.35
C LYS A 111 -0.30 -10.18 38.33
N ASN A 112 0.72 -9.97 37.53
N ASN A 112 0.78 -10.01 37.58
CA ASN A 112 0.53 -9.11 36.37
CA ASN A 112 0.81 -9.19 36.39
C ASN A 112 0.10 -9.92 35.13
C ASN A 112 0.20 -9.94 35.23
N ILE A 113 -0.70 -9.28 34.28
N ILE A 113 -0.45 -9.19 34.34
CA ILE A 113 -1.30 -9.90 33.10
CA ILE A 113 -1.09 -9.76 33.18
C ILE A 113 -0.72 -9.27 31.84
C ILE A 113 -0.43 -9.22 31.93
N GLY A 114 -0.10 -10.10 31.00
CA GLY A 114 0.52 -9.62 29.78
C GLY A 114 -0.11 -10.20 28.53
N LEU A 115 0.10 -9.52 27.41
CA LEU A 115 -0.33 -10.01 26.11
C LEU A 115 0.84 -10.81 25.52
N THR A 116 0.56 -12.01 25.00
CA THR A 116 1.62 -12.85 24.41
C THR A 116 2.04 -12.38 23.01
N THR A 117 3.10 -12.97 22.50
CA THR A 117 3.52 -12.68 21.13
C THR A 117 2.38 -12.96 20.16
N SER A 118 1.69 -14.09 20.34
CA SER A 118 0.56 -14.42 19.47
C SER A 118 -0.64 -13.49 19.71
N GLY A 119 -0.87 -13.07 20.95
CA GLY A 119 -1.90 -12.09 21.23
C GLY A 119 -1.65 -10.76 20.53
N ILE A 120 -0.40 -10.32 20.51
CA ILE A 120 -0.02 -9.09 19.80
C ILE A 120 -0.28 -9.25 18.31
N LYS A 121 0.09 -10.39 17.75
CA LYS A 121 -0.15 -10.60 16.33
C LYS A 121 -1.62 -10.60 16.03
N LEU A 122 -2.43 -11.18 16.91
CA LEU A 122 -3.86 -11.20 16.68
C LEU A 122 -4.43 -9.79 16.74
N VAL A 123 -4.03 -8.99 17.73
CA VAL A 123 -4.49 -7.61 17.82
C VAL A 123 -4.10 -6.85 16.53
N GLU A 124 -2.87 -7.07 16.04
CA GLU A 124 -2.45 -6.40 14.79
C GLU A 124 -3.36 -6.83 13.63
N ALA A 125 -3.75 -8.10 13.60
CA ALA A 125 -4.60 -8.62 12.54
C ALA A 125 -6.01 -8.00 12.53
N PHE A 126 -6.49 -7.52 13.68
CA PHE A 126 -7.81 -6.88 13.74
C PHE A 126 -7.94 -5.68 12.81
N THR A 127 -6.82 -5.02 12.48
CA THR A 127 -6.90 -3.87 11.59
C THR A 127 -7.44 -4.26 10.20
N SER A 128 -7.31 -5.54 9.84
CA SER A 128 -7.81 -6.02 8.55
C SER A 128 -9.30 -5.81 8.44
N ILE A 129 -9.97 -5.74 9.58
CA ILE A 129 -11.42 -5.65 9.53
C ILE A 129 -11.83 -4.33 8.90
N PHE A 130 -11.30 -3.22 9.41
CA PHE A 130 -11.66 -1.90 8.91
C PHE A 130 -11.24 -1.80 7.45
N ASP A 131 -10.07 -2.33 7.14
CA ASP A 131 -9.54 -2.23 5.77
C ASP A 131 -10.39 -3.00 4.77
N GLU A 132 -10.74 -4.22 5.12
CA GLU A 132 -11.53 -5.06 4.24
C GLU A 132 -12.92 -4.47 4.06
N MET A 133 -13.49 -3.89 5.11
CA MET A 133 -14.81 -3.28 4.98
C MET A 133 -14.79 -2.11 4.05
N GLU A 134 -13.76 -1.28 4.17
CA GLU A 134 -13.64 -0.12 3.29
C GLU A 134 -13.46 -0.56 1.85
N GLN A 135 -12.63 -1.57 1.62
CA GLN A 135 -12.42 -2.00 0.24
C GLN A 135 -13.67 -2.64 -0.36
N THR A 136 -14.45 -3.32 0.46
CA THR A 136 -15.71 -3.88 0.02
C THR A 136 -16.71 -2.79 -0.40
N LEU A 137 -16.77 -1.69 0.36
CA LEU A 137 -17.61 -0.55 -0.05
C LEU A 137 -17.11 0.10 -1.31
N VAL A 138 -15.81 0.38 -1.38
CA VAL A 138 -15.23 1.03 -2.55
C VAL A 138 -15.47 0.20 -3.81
N SER A 139 -15.43 -1.12 -3.67
CA SER A 139 -15.58 -1.99 -4.83
C SER A 139 -16.97 -1.98 -5.41
N GLN A 140 -17.93 -1.38 -4.70
CA GLN A 140 -19.31 -1.31 -5.18
C GLN A 140 -19.49 -0.31 -6.31
N LEU A 141 -18.51 0.59 -6.46
CA LEU A 141 -18.65 1.74 -7.37
C LEU A 141 -17.40 1.88 -8.23
N SER A 142 -17.56 2.51 -9.40
CA SER A 142 -16.38 2.88 -10.19
C SER A 142 -15.55 3.96 -9.48
N GLU A 143 -14.32 4.18 -9.92
CA GLU A 143 -13.48 5.20 -9.29
C GLU A 143 -14.17 6.57 -9.39
N GLU A 144 -14.73 6.90 -10.55
CA GLU A 144 -15.39 8.20 -10.63
C GLU A 144 -16.58 8.29 -9.69
N GLU A 145 -17.37 7.23 -9.61
CA GLU A 145 -18.56 7.23 -8.75
C GLU A 145 -18.14 7.38 -7.29
N ASN A 146 -17.04 6.74 -6.91
CA ASN A 146 -16.54 6.87 -5.55
C ASN A 146 -16.12 8.31 -5.27
N GLU A 147 -15.41 8.92 -6.20
CA GLU A 147 -15.00 10.30 -5.99
C GLU A 147 -16.22 11.21 -5.89
N GLN A 148 -17.22 10.97 -6.73
CA GLN A 148 -18.46 11.78 -6.66
C GLN A 148 -19.17 11.59 -5.33
N MET A 149 -19.26 10.33 -4.89
N MET A 149 -19.27 10.32 -4.93
CA MET A 149 -19.96 10.05 -3.66
CA MET A 149 -19.91 9.94 -3.67
C MET A 149 -19.23 10.65 -2.46
C MET A 149 -19.23 10.66 -2.51
N LYS A 150 -17.90 10.54 -2.43
CA LYS A 150 -17.17 11.13 -1.29
C LYS A 150 -17.23 12.65 -1.30
N ALA A 151 -17.20 13.27 -2.47
CA ALA A 151 -17.32 14.72 -2.57
C ALA A 151 -18.69 15.14 -2.06
N ASN A 152 -19.74 14.40 -2.44
CA ASN A 152 -21.09 14.75 -2.03
C ASN A 152 -21.34 14.45 -0.56
N LEU A 153 -20.78 13.36 -0.05
CA LEU A 153 -20.83 13.09 1.40
C LEU A 153 -20.15 14.20 2.18
N THR A 154 -19.04 14.70 1.65
CA THR A 154 -18.29 15.76 2.32
C THR A 154 -19.15 17.03 2.40
N LYS A 155 -19.88 17.33 1.32
N LYS A 155 -19.87 17.34 1.32
CA LYS A 155 -20.75 18.51 1.32
CA LYS A 155 -20.81 18.46 1.33
C LYS A 155 -21.91 18.34 2.30
C LYS A 155 -21.85 18.25 2.43
N MET A 156 -22.39 17.11 2.46
N MET A 156 -22.44 17.07 2.46
CA MET A 156 -23.45 16.85 3.43
CA MET A 156 -23.49 16.77 3.42
C MET A 156 -22.91 17.04 4.84
C MET A 156 -22.96 16.94 4.86
N LEU A 157 -21.75 16.44 5.09
CA LEU A 157 -21.12 16.55 6.40
C LEU A 157 -20.89 18.02 6.80
N SER A 158 -20.37 18.80 5.86
CA SER A 158 -20.10 20.20 6.11
C SER A 158 -21.39 20.95 6.54
N SER A 159 -22.51 20.60 5.91
CA SER A 159 -23.78 21.28 6.17
C SER A 159 -24.30 20.99 7.57
N LEU A 160 -23.79 19.90 8.15
CA LEU A 160 -24.25 19.47 9.47
C LEU A 160 -23.36 20.00 10.59
N GLN A 161 -22.25 20.63 10.22
CA GLN A 161 -21.27 21.10 11.19
C GLN A 161 -21.54 22.54 11.58
N PHE B 25 22.56 -0.09 3.63
CA PHE B 25 22.61 0.07 2.19
C PHE B 25 21.31 -0.34 1.51
N THR B 26 21.04 0.28 0.36
CA THR B 26 19.94 -0.16 -0.47
C THR B 26 20.34 -1.43 -1.21
N TYR B 27 19.34 -2.16 -1.67
CA TYR B 27 19.58 -3.25 -2.60
C TYR B 27 20.25 -2.79 -3.89
N SER B 28 19.79 -1.68 -4.47
CA SER B 28 20.44 -1.15 -5.66
C SER B 28 21.94 -1.01 -5.47
N TYR B 29 22.35 -0.41 -4.34
CA TYR B 29 23.78 -0.22 -4.02
C TYR B 29 24.52 -1.56 -3.91
N LEU B 30 23.96 -2.47 -3.13
CA LEU B 30 24.59 -3.77 -2.93
C LEU B 30 24.71 -4.57 -4.23
N PHE B 31 23.63 -4.60 -5.01
CA PHE B 31 23.65 -5.35 -6.26
C PHE B 31 24.64 -4.72 -7.24
N ARG B 32 24.61 -3.40 -7.36
CA ARG B 32 25.50 -2.72 -8.29
C ARG B 32 26.95 -2.96 -7.91
N MET B 33 27.24 -2.85 -6.61
N MET B 33 27.25 -2.88 -6.61
CA MET B 33 28.59 -3.05 -6.10
CA MET B 33 28.61 -3.04 -6.15
C MET B 33 29.06 -4.47 -6.34
C MET B 33 29.10 -4.49 -6.28
N ILE B 34 28.22 -5.45 -6.02
CA ILE B 34 28.56 -6.85 -6.20
C ILE B 34 28.85 -7.12 -7.68
N SER B 35 27.99 -6.63 -8.57
CA SER B 35 28.27 -6.80 -9.98
C SER B 35 29.58 -6.12 -10.41
N HIS B 36 29.84 -4.93 -9.87
CA HIS B 36 31.07 -4.22 -10.21
C HIS B 36 32.30 -4.99 -9.74
N GLU B 37 32.27 -5.47 -8.50
CA GLU B 37 33.42 -6.19 -7.97
C GLU B 37 33.59 -7.57 -8.60
N MET B 38 32.47 -8.22 -8.95
N MET B 38 32.47 -8.23 -8.91
CA MET B 38 32.58 -9.51 -9.66
CA MET B 38 32.53 -9.47 -9.67
C MET B 38 33.16 -9.33 -11.07
C MET B 38 33.30 -9.23 -10.96
N LYS B 39 32.91 -8.17 -11.67
CA LYS B 39 33.52 -7.83 -12.96
C LYS B 39 35.02 -7.59 -12.81
N GLN B 40 35.39 -6.83 -11.78
N GLN B 40 35.42 -6.83 -11.78
CA GLN B 40 36.80 -6.54 -11.52
CA GLN B 40 36.85 -6.55 -11.60
C GLN B 40 37.55 -7.85 -11.31
C GLN B 40 37.63 -7.82 -11.24
N LYS B 41 37.02 -8.69 -10.45
CA LYS B 41 37.66 -9.96 -10.10
C LYS B 41 37.76 -10.86 -11.32
N ALA B 42 36.68 -10.96 -12.08
CA ALA B 42 36.69 -11.81 -13.26
C ALA B 42 37.73 -11.30 -14.26
N ASP B 43 37.79 -9.98 -14.44
CA ASP B 43 38.79 -9.39 -15.33
C ASP B 43 40.20 -9.75 -14.89
N GLN B 44 40.42 -9.70 -13.58
CA GLN B 44 41.73 -10.04 -13.05
C GLN B 44 42.07 -11.48 -13.35
N LYS B 45 41.09 -12.37 -13.17
CA LYS B 45 41.31 -13.81 -13.36
C LYS B 45 41.55 -14.14 -14.83
N LEU B 46 41.02 -13.30 -15.71
CA LEU B 46 41.16 -13.52 -17.13
C LEU B 46 42.57 -13.18 -17.63
N GLU B 47 43.30 -12.37 -16.85
CA GLU B 47 44.63 -11.93 -17.30
C GLU B 47 45.58 -13.08 -17.55
N GLN B 48 45.46 -14.16 -16.78
CA GLN B 48 46.33 -15.31 -16.95
C GLN B 48 46.14 -15.97 -18.30
N PHE B 49 45.01 -15.67 -18.95
CA PHE B 49 44.66 -16.26 -20.24
C PHE B 49 44.92 -15.29 -21.41
N ASP B 50 45.34 -14.07 -21.11
CA ASP B 50 45.72 -13.09 -22.14
C ASP B 50 44.58 -12.80 -23.11
N ILE B 51 43.33 -12.77 -22.62
CA ILE B 51 42.19 -12.45 -23.49
C ILE B 51 41.33 -11.38 -22.85
N THR B 52 40.67 -10.61 -23.70
CA THR B 52 39.69 -9.62 -23.26
C THR B 52 38.35 -10.29 -22.95
N ASN B 53 37.47 -9.57 -22.25
N ASN B 53 37.46 -9.57 -22.28
CA ASN B 53 36.13 -10.09 -22.03
CA ASN B 53 36.13 -10.10 -22.01
C ASN B 53 35.44 -10.45 -23.35
C ASN B 53 35.30 -10.35 -23.29
N GLU B 54 35.52 -9.55 -24.33
CA GLU B 54 34.86 -9.80 -25.61
C GLU B 54 35.40 -11.06 -26.28
N GLN B 55 36.71 -11.26 -26.20
CA GLN B 55 37.32 -12.49 -26.73
C GLN B 55 36.84 -13.72 -25.97
N LYS B 56 36.74 -13.61 -24.65
CA LYS B 56 36.20 -14.71 -23.84
C LYS B 56 34.78 -15.08 -24.29
N HIS B 57 33.94 -14.07 -24.49
CA HIS B 57 32.56 -14.32 -24.92
C HIS B 57 32.53 -14.98 -26.32
N THR B 58 33.39 -14.50 -27.21
CA THR B 58 33.46 -15.07 -28.56
C THR B 58 33.87 -16.54 -28.51
N LEU B 59 34.94 -16.84 -27.74
CA LEU B 59 35.41 -18.22 -27.63
C LEU B 59 34.31 -19.12 -27.04
N GLY B 60 33.64 -18.66 -25.99
CA GLY B 60 32.58 -19.44 -25.38
C GLY B 60 31.41 -19.67 -26.32
N TYR B 61 31.07 -18.65 -27.10
CA TYR B 61 29.99 -18.79 -28.06
C TYR B 61 30.31 -19.85 -29.13
N LEU B 62 31.53 -19.81 -29.64
CA LEU B 62 31.98 -20.83 -30.60
C LEU B 62 31.93 -22.21 -29.96
N TYR B 63 32.38 -22.30 -28.72
CA TYR B 63 32.39 -23.59 -28.03
C TYR B 63 30.99 -24.17 -27.99
N ALA B 64 29.99 -23.33 -27.71
CA ALA B 64 28.62 -23.80 -27.56
C ALA B 64 27.91 -24.02 -28.89
N HIS B 65 28.34 -23.33 -29.95
CA HIS B 65 27.49 -23.28 -31.15
C HIS B 65 28.19 -23.48 -32.50
N GLN B 66 29.50 -23.74 -32.51
CA GLN B 66 30.21 -23.87 -33.78
C GLN B 66 29.62 -24.94 -34.70
N GLN B 67 29.00 -25.96 -34.12
CA GLN B 67 28.37 -27.01 -34.92
C GLN B 67 27.28 -26.48 -35.85
N ASP B 68 26.76 -25.31 -35.55
CA ASP B 68 25.68 -24.72 -36.34
C ASP B 68 26.15 -24.00 -37.60
N GLY B 69 27.45 -23.75 -37.69
CA GLY B 69 28.02 -23.06 -38.85
C GLY B 69 27.89 -21.56 -38.68
N LEU B 70 28.86 -20.99 -38.00
CA LEU B 70 28.79 -19.60 -37.56
C LEU B 70 29.68 -18.72 -38.40
N THR B 71 29.10 -17.61 -38.87
CA THR B 71 29.90 -16.62 -39.60
C THR B 71 30.26 -15.44 -38.68
N GLN B 72 31.14 -14.57 -39.16
CA GLN B 72 31.43 -13.33 -38.46
C GLN B 72 30.16 -12.55 -38.09
N ASN B 73 29.22 -12.46 -39.03
N ASN B 73 29.22 -12.46 -39.03
CA ASN B 73 27.96 -11.74 -38.76
CA ASN B 73 27.96 -11.76 -38.78
C ASN B 73 27.16 -12.41 -37.64
C ASN B 73 27.14 -12.41 -37.67
N ASP B 74 27.15 -13.74 -37.61
CA ASP B 74 26.42 -14.46 -36.57
C ASP B 74 27.02 -14.09 -35.21
N ILE B 75 28.35 -14.07 -35.14
CA ILE B 75 29.05 -13.70 -33.92
C ILE B 75 28.78 -12.25 -33.52
N ALA B 76 28.86 -11.32 -34.46
CA ALA B 76 28.60 -9.92 -34.15
C ALA B 76 27.19 -9.72 -33.61
N LYS B 77 26.22 -10.42 -34.19
CA LYS B 77 24.83 -10.34 -33.75
C LYS B 77 24.69 -10.90 -32.33
N ALA B 78 25.38 -12.01 -32.05
CA ALA B 78 25.31 -12.63 -30.73
C ALA B 78 25.95 -11.74 -29.66
N LEU B 79 27.07 -11.12 -30.01
N LEU B 79 27.08 -11.13 -30.01
CA LEU B 79 27.82 -10.26 -29.08
CA LEU B 79 27.83 -10.26 -29.09
C LEU B 79 27.24 -8.86 -28.98
C LEU B 79 27.20 -8.88 -28.96
N GLN B 80 26.38 -8.50 -29.94
CA GLN B 80 25.85 -7.14 -30.01
C GLN B 80 27.01 -6.14 -30.09
N ARG B 81 27.94 -6.43 -31.00
CA ARG B 81 29.07 -5.54 -31.28
C ARG B 81 29.16 -5.31 -32.78
N THR B 82 29.87 -4.27 -33.21
CA THR B 82 29.88 -3.92 -34.63
C THR B 82 30.74 -4.87 -35.45
N GLY B 83 30.43 -4.98 -36.72
CA GLY B 83 31.18 -5.82 -37.64
C GLY B 83 32.69 -5.63 -37.58
N PRO B 84 33.14 -4.38 -37.69
CA PRO B 84 34.60 -4.20 -37.75
C PRO B 84 35.29 -4.61 -36.45
N THR B 85 34.65 -4.33 -35.33
CA THR B 85 35.20 -4.76 -34.04
C THR B 85 35.35 -6.26 -33.99
N VAL B 86 34.33 -6.96 -34.46
CA VAL B 86 34.34 -8.42 -34.41
C VAL B 86 35.35 -9.01 -35.40
N SER B 87 35.40 -8.42 -36.59
N SER B 87 35.43 -8.44 -36.60
CA SER B 87 36.38 -8.81 -37.57
CA SER B 87 36.43 -8.87 -37.58
C SER B 87 37.80 -8.75 -37.00
C SER B 87 37.83 -8.76 -36.99
N ASN B 88 38.09 -7.65 -36.31
CA ASN B 88 39.41 -7.43 -35.76
C ASN B 88 39.70 -8.43 -34.64
N LEU B 89 38.70 -8.66 -33.80
CA LEU B 89 38.85 -9.62 -32.70
C LEU B 89 39.13 -11.01 -33.24
N LEU B 90 38.43 -11.42 -34.30
CA LEU B 90 38.65 -12.73 -34.91
C LEU B 90 40.04 -12.84 -35.52
N ARG B 91 40.55 -11.76 -36.11
CA ARG B 91 41.93 -11.80 -36.59
C ARG B 91 42.93 -12.04 -35.48
N ASN B 92 42.66 -11.42 -34.33
CA ASN B 92 43.53 -11.54 -33.15
C ASN B 92 43.54 -12.98 -32.68
N LEU B 93 42.37 -13.57 -32.55
CA LEU B 93 42.28 -14.97 -32.10
C LEU B 93 42.88 -15.94 -33.11
N GLU B 94 42.75 -15.61 -34.39
CA GLU B 94 43.32 -16.43 -35.45
C GLU B 94 44.87 -16.37 -35.48
N ARG B 95 45.47 -15.21 -35.18
CA ARG B 95 46.93 -15.13 -35.09
C ARG B 95 47.47 -16.05 -33.99
N LYS B 96 46.68 -16.19 -32.91
CA LYS B 96 47.02 -17.10 -31.83
C LYS B 96 46.71 -18.55 -32.15
N LYS B 97 46.06 -18.81 -33.29
CA LYS B 97 45.65 -20.15 -33.68
C LYS B 97 44.67 -20.78 -32.69
N LEU B 98 43.81 -19.94 -32.11
CA LEU B 98 42.69 -20.43 -31.27
C LEU B 98 41.45 -20.73 -32.07
N ILE B 99 41.37 -20.14 -33.27
CA ILE B 99 40.25 -20.38 -34.17
C ILE B 99 40.78 -20.54 -35.59
N TYR B 100 39.92 -21.05 -36.47
CA TYR B 100 40.23 -21.16 -37.89
C TYR B 100 38.92 -20.95 -38.67
N ARG B 101 39.02 -20.78 -39.98
CA ARG B 101 37.85 -20.56 -40.78
C ARG B 101 37.83 -21.51 -41.96
N TYR B 102 36.64 -21.76 -42.47
CA TYR B 102 36.48 -22.60 -43.66
C TYR B 102 35.30 -22.14 -44.48
N VAL B 103 35.46 -22.09 -45.80
CA VAL B 103 34.38 -21.65 -46.65
C VAL B 103 33.24 -22.68 -46.61
N ASP B 104 32.01 -22.19 -46.57
CA ASP B 104 30.85 -23.07 -46.60
C ASP B 104 30.55 -23.48 -48.05
N ALA B 105 30.74 -24.75 -48.40
CA ALA B 105 30.54 -25.18 -49.78
C ALA B 105 29.13 -24.98 -50.28
N GLN B 106 28.16 -24.95 -49.35
CA GLN B 106 26.76 -24.77 -49.71
C GLN B 106 26.40 -23.30 -49.87
N ASP B 107 27.28 -22.42 -49.39
CA ASP B 107 27.10 -20.99 -49.62
C ASP B 107 28.45 -20.30 -49.51
N THR B 108 29.14 -20.16 -50.65
CA THR B 108 30.54 -19.77 -50.61
C THR B 108 30.78 -18.31 -50.20
N ARG B 109 29.69 -17.54 -50.07
CA ARG B 109 29.77 -16.18 -49.54
C ARG B 109 29.93 -16.21 -48.02
N ARG B 110 29.81 -17.40 -47.44
N ARG B 110 29.81 -17.40 -47.44
N ARG B 110 29.81 -17.40 -47.43
CA ARG B 110 29.95 -17.56 -46.00
CA ARG B 110 29.94 -17.57 -46.00
CA ARG B 110 29.92 -17.57 -45.98
C ARG B 110 31.23 -18.32 -45.65
C ARG B 110 31.23 -18.31 -45.66
C ARG B 110 31.20 -18.33 -45.62
N LYS B 111 31.95 -17.83 -44.64
CA LYS B 111 33.05 -18.58 -44.07
C LYS B 111 32.62 -18.93 -42.67
N ASN B 112 32.70 -20.20 -42.33
CA ASN B 112 32.34 -20.62 -40.99
C ASN B 112 33.59 -20.58 -40.11
N ILE B 113 33.37 -20.37 -38.81
CA ILE B 113 34.46 -20.24 -37.85
C ILE B 113 34.41 -21.39 -36.86
N GLY B 114 35.58 -21.98 -36.61
CA GLY B 114 35.68 -23.08 -35.66
C GLY B 114 36.78 -22.84 -34.64
N LEU B 115 36.67 -23.52 -33.50
CA LEU B 115 37.78 -23.54 -32.54
C LEU B 115 38.80 -24.59 -32.90
N THR B 116 40.08 -24.26 -32.77
CA THR B 116 41.13 -25.25 -32.87
C THR B 116 41.16 -26.04 -31.57
N THR B 117 42.00 -27.07 -31.53
CA THR B 117 42.12 -27.86 -30.28
C THR B 117 42.58 -26.96 -29.13
N SER B 118 43.52 -26.04 -29.37
N SER B 118 43.51 -26.04 -29.40
CA SER B 118 43.92 -25.11 -28.31
CA SER B 118 43.93 -25.07 -28.39
C SER B 118 42.78 -24.20 -27.90
C SER B 118 42.75 -24.23 -27.91
N GLY B 119 41.93 -23.76 -28.84
CA GLY B 119 40.77 -22.94 -28.49
C GLY B 119 39.83 -23.71 -27.54
N ILE B 120 39.59 -24.98 -27.83
N ILE B 120 39.60 -24.98 -27.81
CA ILE B 120 38.76 -25.82 -26.96
CA ILE B 120 38.73 -25.77 -26.93
C ILE B 120 39.39 -25.88 -25.57
C ILE B 120 39.37 -25.97 -25.55
N LYS B 121 40.68 -26.20 -25.52
CA LYS B 121 41.37 -26.35 -24.23
C LYS B 121 41.36 -25.04 -23.47
N LEU B 122 41.49 -23.92 -24.17
CA LEU B 122 41.51 -22.63 -23.47
C LEU B 122 40.12 -22.36 -22.86
N VAL B 123 39.04 -22.62 -23.60
CA VAL B 123 37.69 -22.42 -23.07
C VAL B 123 37.49 -23.31 -21.85
N GLU B 124 37.95 -24.56 -21.93
CA GLU B 124 37.77 -25.45 -20.76
C GLU B 124 38.58 -24.92 -19.58
N ALA B 125 39.77 -24.37 -19.84
CA ALA B 125 40.58 -23.82 -18.76
C ALA B 125 39.94 -22.62 -18.10
N PHE B 126 39.47 -21.65 -18.87
CA PHE B 126 38.89 -20.49 -18.20
C PHE B 126 37.53 -20.80 -17.57
N THR B 127 36.81 -21.76 -18.13
CA THR B 127 35.55 -22.19 -17.52
C THR B 127 35.82 -22.78 -16.14
N SER B 128 36.92 -23.53 -16.01
N SER B 128 36.91 -23.53 -16.00
CA SER B 128 37.31 -24.08 -14.71
CA SER B 128 37.23 -24.08 -14.67
C SER B 128 37.55 -22.98 -13.68
C SER B 128 37.52 -22.96 -13.67
N ILE B 129 38.26 -21.94 -14.10
CA ILE B 129 38.58 -20.82 -13.20
C ILE B 129 37.31 -20.08 -12.81
N PHE B 130 36.39 -19.84 -13.75
CA PHE B 130 35.16 -19.15 -13.40
C PHE B 130 34.22 -19.98 -12.56
N ASP B 131 34.22 -21.29 -12.79
CA ASP B 131 33.46 -22.19 -11.92
C ASP B 131 34.00 -22.11 -10.48
N GLU B 132 35.33 -22.09 -10.34
CA GLU B 132 35.96 -21.97 -9.03
CA GLU B 132 35.96 -21.97 -9.03
C GLU B 132 35.60 -20.65 -8.35
N MET B 133 35.54 -19.57 -9.11
N MET B 133 35.56 -19.57 -9.13
CA MET B 133 35.16 -18.29 -8.55
CA MET B 133 35.14 -18.27 -8.60
C MET B 133 33.72 -18.33 -8.01
C MET B 133 33.75 -18.40 -7.98
N GLU B 134 32.85 -19.03 -8.71
CA GLU B 134 31.47 -19.19 -8.24
C GLU B 134 31.44 -19.99 -6.95
N GLN B 135 32.22 -21.05 -6.90
CA GLN B 135 32.22 -21.87 -5.69
C GLN B 135 32.83 -21.11 -4.49
N THR B 136 33.81 -20.27 -4.76
CA THR B 136 34.38 -19.41 -3.71
C THR B 136 33.33 -18.47 -3.12
N LEU B 137 32.47 -17.92 -3.97
CA LEU B 137 31.37 -17.09 -3.51
C LEU B 137 30.36 -17.89 -2.65
N VAL B 138 29.98 -19.08 -3.13
CA VAL B 138 29.10 -19.95 -2.35
C VAL B 138 29.70 -20.23 -0.96
N SER B 139 31.00 -20.36 -0.90
CA SER B 139 31.68 -20.72 0.37
C SER B 139 31.58 -19.62 1.42
N GLN B 140 31.16 -18.41 1.04
CA GLN B 140 31.07 -17.31 2.00
C GLN B 140 29.87 -17.43 2.93
N LEU B 141 28.90 -18.25 2.55
CA LEU B 141 27.65 -18.40 3.28
C LEU B 141 27.42 -19.85 3.69
N SER B 142 26.65 -20.07 4.75
CA SER B 142 26.31 -21.44 5.11
C SER B 142 25.32 -22.07 4.14
N GLU B 143 25.10 -23.37 4.25
CA GLU B 143 24.11 -24.03 3.38
C GLU B 143 22.72 -23.37 3.45
N GLU B 144 22.21 -23.15 4.67
CA GLU B 144 20.91 -22.52 4.85
C GLU B 144 20.92 -21.10 4.28
N GLU B 145 22.00 -20.36 4.51
CA GLU B 145 22.07 -18.98 4.03
C GLU B 145 22.07 -18.93 2.51
N ASN B 146 22.78 -19.87 1.89
CA ASN B 146 22.79 -19.95 0.43
C ASN B 146 21.41 -20.28 -0.14
N GLU B 147 20.70 -21.21 0.49
CA GLU B 147 19.38 -21.58 0.01
C GLU B 147 18.44 -20.37 0.05
N GLN B 148 18.51 -19.65 1.16
CA GLN B 148 17.69 -18.46 1.37
C GLN B 148 18.06 -17.38 0.36
N MET B 149 19.36 -17.20 0.15
CA MET B 149 19.84 -16.14 -0.73
C MET B 149 19.42 -16.43 -2.16
N LYS B 150 19.62 -17.66 -2.63
CA LYS B 150 19.22 -18.00 -4.00
C LYS B 150 17.73 -17.83 -4.18
N ALA B 151 16.95 -18.25 -3.18
CA ALA B 151 15.50 -18.16 -3.28
C ALA B 151 15.05 -16.70 -3.36
N ASN B 152 15.64 -15.86 -2.51
CA ASN B 152 15.24 -14.47 -2.46
C ASN B 152 15.67 -13.71 -3.71
N LEU B 153 16.87 -14.02 -4.20
CA LEU B 153 17.35 -13.34 -5.41
C LEU B 153 16.46 -13.73 -6.58
N THR B 154 16.04 -14.99 -6.62
CA THR B 154 15.18 -15.46 -7.68
C THR B 154 13.83 -14.72 -7.65
N LYS B 155 13.29 -14.55 -6.44
CA LYS B 155 12.03 -13.85 -6.27
C LYS B 155 12.17 -12.40 -6.71
N MET B 156 13.26 -11.76 -6.29
CA MET B 156 13.47 -10.37 -6.66
C MET B 156 13.65 -10.21 -8.15
N LEU B 157 14.41 -11.11 -8.76
CA LEU B 157 14.59 -11.07 -10.21
C LEU B 157 13.23 -11.15 -10.90
N SER B 158 12.35 -12.04 -10.43
CA SER B 158 11.02 -12.14 -10.99
C SER B 158 10.20 -10.88 -10.80
N SER B 159 10.39 -10.22 -9.65
CA SER B 159 9.62 -9.01 -9.34
C SER B 159 9.94 -7.87 -10.30
N LEU B 160 11.12 -7.92 -10.88
CA LEU B 160 11.62 -6.87 -11.75
C LEU B 160 11.16 -7.02 -13.21
N GLN B 161 10.59 -8.17 -13.53
CA GLN B 161 10.17 -8.47 -14.90
C GLN B 161 8.85 -7.79 -15.27
N GLU C 24 -8.16 11.55 0.47
CA GLU C 24 -9.59 11.31 0.60
C GLU C 24 -9.88 10.52 1.87
N PHE C 25 -11.03 10.81 2.48
CA PHE C 25 -11.48 10.09 3.66
C PHE C 25 -12.06 8.74 3.29
N THR C 26 -12.11 7.83 4.27
CA THR C 26 -12.80 6.56 4.06
C THR C 26 -14.31 6.76 4.18
N TYR C 27 -15.07 5.82 3.62
CA TYR C 27 -16.49 5.78 3.87
C TYR C 27 -16.78 5.59 5.35
N SER C 28 -16.01 4.73 6.02
CA SER C 28 -16.23 4.53 7.44
C SER C 28 -16.22 5.86 8.19
N TYR C 29 -15.19 6.67 7.94
CA TYR C 29 -15.06 7.99 8.54
C TYR C 29 -16.21 8.91 8.18
N LEU C 30 -16.56 8.97 6.92
CA LEU C 30 -17.60 9.88 6.48
C LEU C 30 -18.97 9.50 7.05
N PHE C 31 -19.28 8.20 7.04
CA PHE C 31 -20.57 7.74 7.54
C PHE C 31 -20.62 7.97 9.05
N ARG C 32 -19.54 7.65 9.75
CA ARG C 32 -19.53 7.81 11.19
C ARG C 32 -19.72 9.27 11.57
N MET C 33 -19.03 10.17 10.87
CA MET C 33 -19.09 11.60 11.17
CA MET C 33 -19.10 11.60 11.19
C MET C 33 -20.45 12.19 10.82
N ILE C 34 -21.01 11.77 9.70
CA ILE C 34 -22.34 12.22 9.32
C ILE C 34 -23.36 11.80 10.38
N SER C 35 -23.30 10.54 10.82
CA SER C 35 -24.20 10.10 11.86
C SER C 35 -23.97 10.87 13.16
N HIS C 36 -22.70 11.10 13.51
CA HIS C 36 -22.38 11.85 14.73
C HIS C 36 -22.94 13.28 14.65
N GLU C 37 -22.77 13.93 13.50
CA GLU C 37 -23.19 15.33 13.40
C GLU C 37 -24.71 15.44 13.27
N MET C 38 -25.33 14.46 12.61
N MET C 38 -25.35 14.46 12.65
CA MET C 38 -26.79 14.37 12.58
CA MET C 38 -26.81 14.42 12.60
C MET C 38 -27.33 14.29 14.01
C MET C 38 -27.40 14.19 13.98
N LYS C 39 -26.70 13.45 14.83
CA LYS C 39 -27.13 13.24 16.20
C LYS C 39 -27.01 14.53 16.98
N GLN C 40 -25.90 15.25 16.77
N GLN C 40 -25.91 15.26 16.81
CA GLN C 40 -25.67 16.52 17.45
CA GLN C 40 -25.75 16.50 17.58
C GLN C 40 -26.74 17.53 17.05
C GLN C 40 -26.77 17.54 17.15
N LYS C 41 -26.99 17.62 15.75
N LYS C 41 -27.04 17.60 15.86
CA LYS C 41 -27.97 18.55 15.22
CA LYS C 41 -27.97 18.59 15.33
C LYS C 41 -29.36 18.23 15.74
C LYS C 41 -29.39 18.24 15.75
N ALA C 42 -29.74 16.96 15.68
CA ALA C 42 -31.06 16.54 16.11
C ALA C 42 -31.23 16.83 17.61
N ASP C 43 -30.21 16.53 18.41
CA ASP C 43 -30.25 16.85 19.84
C ASP C 43 -30.47 18.34 20.08
N GLN C 44 -29.81 19.16 19.29
CA GLN C 44 -29.94 20.58 19.45
C GLN C 44 -31.37 21.02 19.13
N LYS C 45 -31.93 20.46 18.06
CA LYS C 45 -33.25 20.89 17.65
C LYS C 45 -34.31 20.40 18.62
N LEU C 46 -33.98 19.35 19.35
CA LEU C 46 -34.89 18.75 20.31
C LEU C 46 -35.01 19.64 21.55
N GLU C 47 -34.00 20.46 21.79
CA GLU C 47 -33.98 21.27 23.01
C GLU C 47 -35.17 22.22 23.12
N GLN C 48 -35.67 22.70 21.98
CA GLN C 48 -36.79 23.62 22.01
C GLN C 48 -38.03 22.91 22.54
N PHE C 49 -38.00 21.57 22.56
CA PHE C 49 -39.16 20.77 22.97
C PHE C 49 -39.00 20.22 24.38
N ASP C 50 -37.84 20.49 25.00
CA ASP C 50 -37.57 20.09 26.39
C ASP C 50 -37.75 18.59 26.62
N ILE C 51 -37.36 17.76 25.66
CA ILE C 51 -37.45 16.30 25.83
C ILE C 51 -36.13 15.61 25.48
N THR C 52 -35.90 14.47 26.09
CA THR C 52 -34.75 13.63 25.76
C THR C 52 -35.06 12.78 24.53
N ASN C 53 -34.02 12.17 23.97
N ASN C 53 -34.03 12.15 23.97
CA ASN C 53 -34.21 11.29 22.83
CA ASN C 53 -34.26 11.29 22.82
C ASN C 53 -35.06 10.08 23.21
C ASN C 53 -35.21 10.13 23.12
N GLU C 54 -34.91 9.58 24.43
N GLU C 54 -35.01 9.47 24.26
CA GLU C 54 -35.75 8.46 24.86
CA GLU C 54 -35.90 8.38 24.62
C GLU C 54 -37.23 8.85 24.95
C GLU C 54 -37.33 8.84 24.92
N GLN C 55 -37.48 10.06 25.44
CA GLN C 55 -38.83 10.60 25.56
C GLN C 55 -39.44 10.84 24.18
N LYS C 56 -38.62 11.34 23.25
CA LYS C 56 -39.08 11.54 21.89
C LYS C 56 -39.53 10.20 21.29
N HIS C 57 -38.72 9.16 21.48
CA HIS C 57 -39.06 7.84 20.95
C HIS C 57 -40.33 7.28 21.58
N THR C 58 -40.48 7.49 22.89
CA THR C 58 -41.67 7.04 23.57
C THR C 58 -42.92 7.72 23.02
N LEU C 59 -42.88 9.06 22.94
CA LEU C 59 -44.01 9.81 22.43
C LEU C 59 -44.39 9.36 21.02
N GLY C 60 -43.39 9.20 20.16
CA GLY C 60 -43.67 8.80 18.79
C GLY C 60 -44.25 7.39 18.69
N TYR C 61 -43.77 6.49 19.56
CA TYR C 61 -44.31 5.14 19.61
C TYR C 61 -45.78 5.14 20.04
N LEU C 62 -46.11 5.93 21.05
CA LEU C 62 -47.50 6.08 21.48
C LEU C 62 -48.35 6.65 20.34
N TYR C 63 -47.81 7.64 19.64
CA TYR C 63 -48.57 8.26 18.54
C TYR C 63 -48.94 7.21 17.50
N ALA C 64 -48.00 6.32 17.21
CA ALA C 64 -48.21 5.35 16.16
C ALA C 64 -49.05 4.15 16.60
N HIS C 65 -49.04 3.83 17.91
CA HIS C 65 -49.58 2.54 18.34
C HIS C 65 -50.51 2.55 19.56
N GLN C 66 -50.86 3.71 20.09
CA GLN C 66 -51.66 3.73 21.33
C GLN C 66 -52.99 3.00 21.17
N GLN C 67 -53.52 2.96 19.95
CA GLN C 67 -54.79 2.30 19.68
C GLN C 67 -54.74 0.80 20.00
N ASP C 68 -53.54 0.27 20.09
CA ASP C 68 -53.35 -1.16 20.37
C ASP C 68 -53.45 -1.50 21.86
N GLY C 69 -53.39 -0.49 22.71
CA GLY C 69 -53.49 -0.71 24.16
C GLY C 69 -52.11 -1.07 24.68
N LEU C 70 -51.32 -0.04 24.96
CA LEU C 70 -49.90 -0.21 25.28
C LEU C 70 -49.65 -0.07 26.77
N THR C 71 -48.91 -1.03 27.34
CA THR C 71 -48.50 -0.91 28.73
C THR C 71 -47.06 -0.44 28.85
N GLN C 72 -46.63 -0.12 30.07
CA GLN C 72 -45.22 0.16 30.32
C GLN C 72 -44.31 -0.93 29.76
N ASN C 73 -44.68 -2.19 29.95
CA ASN C 73 -43.83 -3.27 29.45
C ASN C 73 -43.73 -3.28 27.93
N ASP C 74 -44.83 -2.98 27.24
CA ASP C 74 -44.83 -2.94 25.78
C ASP C 74 -43.85 -1.87 25.33
N ILE C 75 -43.90 -0.72 26.00
CA ILE C 75 -43.01 0.39 25.68
C ILE C 75 -41.54 0.03 25.96
N ALA C 76 -41.25 -0.57 27.11
CA ALA C 76 -39.88 -0.95 27.41
C ALA C 76 -39.33 -1.93 26.36
N LYS C 77 -40.17 -2.86 25.90
CA LYS C 77 -39.70 -3.82 24.91
C LYS C 77 -39.45 -3.14 23.56
N ALA C 78 -40.36 -2.24 23.18
CA ALA C 78 -40.20 -1.53 21.91
C ALA C 78 -38.95 -0.68 21.90
N LEU C 79 -38.67 0.00 23.01
CA LEU C 79 -37.52 0.89 23.19
C LEU C 79 -36.23 0.12 23.45
N GLN C 80 -36.35 -1.13 23.88
CA GLN C 80 -35.20 -1.90 24.36
C GLN C 80 -34.46 -1.15 25.47
N ARG C 81 -35.23 -0.73 26.47
CA ARG C 81 -34.70 -0.08 27.68
C ARG C 81 -35.28 -0.80 28.90
N THR C 82 -34.65 -0.63 30.05
CA THR C 82 -35.06 -1.36 31.24
C THR C 82 -36.34 -0.80 31.84
N GLY C 83 -37.04 -1.65 32.59
CA GLY C 83 -38.27 -1.27 33.27
C GLY C 83 -38.17 0.02 34.06
N PRO C 84 -37.21 0.09 34.99
CA PRO C 84 -37.16 1.28 35.85
C PRO C 84 -36.92 2.57 35.06
N THR C 85 -36.11 2.50 34.02
CA THR C 85 -35.87 3.66 33.17
C THR C 85 -37.15 4.12 32.51
N VAL C 86 -37.91 3.17 31.98
CA VAL C 86 -39.17 3.50 31.30
C VAL C 86 -40.23 4.01 32.27
N SER C 87 -40.33 3.38 33.43
N SER C 87 -40.36 3.39 33.44
CA SER C 87 -41.24 3.81 34.47
CA SER C 87 -41.30 3.88 34.46
C SER C 87 -40.98 5.27 34.84
C SER C 87 -40.99 5.33 34.82
N ASN C 88 -39.71 5.62 35.01
CA ASN C 88 -39.32 6.96 35.38
C ASN C 88 -39.63 7.97 34.28
N LEU C 89 -39.33 7.58 33.04
CA LEU C 89 -39.62 8.43 31.89
C LEU C 89 -41.11 8.72 31.76
N LEU C 90 -41.94 7.69 31.99
CA LEU C 90 -43.39 7.86 31.89
C LEU C 90 -43.90 8.80 32.99
N ARG C 91 -43.35 8.69 34.22
CA ARG C 91 -43.74 9.65 35.26
C ARG C 91 -43.43 11.08 34.86
N ASN C 92 -42.26 11.26 34.23
CA ASN C 92 -41.83 12.60 33.78
C ASN C 92 -42.82 13.17 32.76
N LEU C 93 -43.15 12.36 31.75
CA LEU C 93 -44.13 12.79 30.75
C LEU C 93 -45.52 13.03 31.31
N GLU C 94 -45.89 12.24 32.33
CA GLU C 94 -47.19 12.39 32.96
C GLU C 94 -47.27 13.68 33.81
N ARG C 95 -46.16 14.06 34.46
CA ARG C 95 -46.18 15.33 35.22
C ARG C 95 -46.42 16.50 34.26
N LYS C 96 -45.91 16.38 33.04
CA LYS C 96 -46.12 17.42 32.02
C LYS C 96 -47.50 17.32 31.37
N LYS C 97 -48.27 16.27 31.68
CA LYS C 97 -49.60 16.08 31.11
C LYS C 97 -49.52 15.88 29.60
N LEU C 98 -48.46 15.22 29.16
CA LEU C 98 -48.35 14.77 27.74
C LEU C 98 -48.94 13.38 27.50
N ILE C 99 -49.02 12.60 28.58
CA ILE C 99 -49.64 11.29 28.55
C ILE C 99 -50.55 11.10 29.74
N TYR C 100 -51.39 10.07 29.67
CA TYR C 100 -52.24 9.67 30.78
C TYR C 100 -52.36 8.16 30.75
N ARG C 101 -52.90 7.58 31.82
N ARG C 101 -52.90 7.58 31.83
N ARG C 101 -52.92 7.59 31.81
CA ARG C 101 -53.01 6.14 31.93
CA ARG C 101 -53.03 6.14 31.92
CA ARG C 101 -53.07 6.15 31.87
C ARG C 101 -54.43 5.72 32.33
C ARG C 101 -54.46 5.74 32.30
C ARG C 101 -54.51 5.79 32.18
N TYR C 102 -54.87 4.55 31.87
CA TYR C 102 -56.21 4.05 32.19
C TYR C 102 -56.16 2.55 32.38
N VAL C 103 -56.80 2.05 33.42
CA VAL C 103 -56.79 0.61 33.68
C VAL C 103 -57.57 -0.11 32.58
N ASP C 104 -57.07 -1.26 32.15
CA ASP C 104 -57.70 -2.03 31.09
C ASP C 104 -58.78 -2.90 31.76
N ALA C 105 -60.05 -2.63 31.49
CA ALA C 105 -61.14 -3.35 32.18
C ALA C 105 -61.14 -4.85 31.89
N GLN C 106 -60.56 -5.24 30.76
CA GLN C 106 -60.50 -6.66 30.37
C GLN C 106 -59.29 -7.35 31.03
N ASP C 107 -58.38 -6.55 31.58
CA ASP C 107 -57.23 -7.12 32.31
C ASP C 107 -56.68 -6.07 33.25
N THR C 108 -57.19 -6.06 34.47
CA THR C 108 -56.92 -4.93 35.36
C THR C 108 -55.48 -4.88 35.88
N ARG C 109 -54.70 -5.91 35.59
CA ARG C 109 -53.27 -5.90 35.90
C ARG C 109 -52.55 -4.96 34.95
N ARG C 110 -53.21 -4.60 33.84
CA ARG C 110 -52.61 -3.72 32.82
C ARG C 110 -53.16 -2.30 32.90
N LYS C 111 -52.27 -1.32 32.90
CA LYS C 111 -52.67 0.06 32.64
C LYS C 111 -52.22 0.44 31.25
N ASN C 112 -53.15 0.88 30.44
CA ASN C 112 -52.81 1.35 29.11
C ASN C 112 -52.37 2.81 29.15
N ILE C 113 -51.51 3.18 28.20
N ILE C 113 -51.51 3.20 28.21
CA ILE C 113 -50.97 4.53 28.12
CA ILE C 113 -51.01 4.58 28.18
C ILE C 113 -51.54 5.23 26.89
C ILE C 113 -51.42 5.28 26.89
N GLY C 114 -51.91 6.51 27.03
CA GLY C 114 -52.37 7.28 25.88
C GLY C 114 -51.73 8.66 25.86
N LEU C 115 -51.66 9.28 24.69
CA LEU C 115 -51.27 10.68 24.59
C LEU C 115 -52.44 11.60 24.88
N THR C 116 -52.18 12.67 25.63
CA THR C 116 -53.16 13.73 25.75
C THR C 116 -53.16 14.55 24.46
N THR C 117 -54.05 15.52 24.37
CA THR C 117 -54.06 16.37 23.18
C THR C 117 -52.74 17.13 23.04
N SER C 118 -52.15 17.60 24.13
CA SER C 118 -50.84 18.26 24.06
C SER C 118 -49.76 17.29 23.62
N GLY C 119 -49.83 16.01 24.05
CA GLY C 119 -48.90 15.00 23.54
C GLY C 119 -48.96 14.83 22.04
N ILE C 120 -50.18 14.72 21.50
N ILE C 120 -50.17 14.76 21.47
CA ILE C 120 -50.41 14.67 20.05
CA ILE C 120 -50.31 14.65 20.03
C ILE C 120 -49.73 15.88 19.39
C ILE C 120 -49.78 15.90 19.33
N LYS C 121 -50.07 17.08 19.88
CA LYS C 121 -49.56 18.32 19.28
C LYS C 121 -48.06 18.38 19.34
N LEU C 122 -47.47 17.92 20.44
CA LEU C 122 -46.02 17.96 20.57
C LEU C 122 -45.35 17.02 19.54
N VAL C 123 -45.88 15.81 19.39
CA VAL C 123 -45.36 14.86 18.39
C VAL C 123 -45.43 15.48 16.99
N GLU C 124 -46.58 16.06 16.66
CA GLU C 124 -46.70 16.70 15.34
C GLU C 124 -45.70 17.84 15.18
N ALA C 125 -45.49 18.63 16.24
CA ALA C 125 -44.52 19.72 16.18
C ALA C 125 -43.08 19.22 15.96
N PHE C 126 -42.63 18.24 16.73
CA PHE C 126 -41.25 17.80 16.53
C PHE C 126 -41.09 17.03 15.23
N THR C 127 -42.14 16.35 14.79
CA THR C 127 -42.09 15.67 13.49
C THR C 127 -41.85 16.68 12.39
N SER C 128 -42.51 17.83 12.45
N SER C 128 -42.50 17.84 12.46
N SER C 128 -42.51 17.83 12.45
CA SER C 128 -42.32 18.86 11.44
CA SER C 128 -42.32 18.86 11.44
CA SER C 128 -42.32 18.87 11.45
C SER C 128 -40.88 19.38 11.43
C SER C 128 -40.91 19.43 11.43
C SER C 128 -40.87 19.33 11.43
N ILE C 129 -40.30 19.57 12.61
CA ILE C 129 -38.92 20.04 12.71
C ILE C 129 -37.94 19.02 12.13
N PHE C 130 -38.13 17.74 12.45
CA PHE C 130 -37.24 16.73 11.91
C PHE C 130 -37.43 16.49 10.41
N ASP C 131 -38.65 16.66 9.94
CA ASP C 131 -38.89 16.61 8.49
C ASP C 131 -38.17 17.76 7.81
N GLU C 132 -38.21 18.95 8.43
CA GLU C 132 -37.50 20.10 7.87
C GLU C 132 -35.99 19.86 7.82
N MET C 133 -35.45 19.23 8.87
N MET C 133 -35.47 19.22 8.86
CA MET C 133 -34.03 18.89 8.90
CA MET C 133 -34.06 18.87 8.92
C MET C 133 -33.66 17.96 7.74
C MET C 133 -33.65 17.96 7.76
N GLU C 134 -34.51 16.99 7.45
CA GLU C 134 -34.26 16.09 6.31
C GLU C 134 -34.28 16.86 4.99
N GLN C 135 -35.26 17.76 4.84
CA GLN C 135 -35.34 18.51 3.59
C GLN C 135 -34.13 19.46 3.44
N THR C 136 -33.63 19.99 4.54
CA THR C 136 -32.45 20.84 4.49
C THR C 136 -31.23 20.05 4.00
N LEU C 137 -31.12 18.79 4.41
CA LEU C 137 -30.04 17.95 3.94
C LEU C 137 -30.19 17.66 2.44
N VAL C 138 -31.39 17.34 2.00
CA VAL C 138 -31.66 17.12 0.57
C VAL C 138 -31.25 18.37 -0.23
N SER C 139 -31.51 19.55 0.32
CA SER C 139 -31.24 20.81 -0.40
C SER C 139 -29.74 21.06 -0.66
N GLN C 140 -28.85 20.28 -0.04
CA GLN C 140 -27.39 20.44 -0.23
C GLN C 140 -26.91 19.88 -1.56
N LEU C 141 -27.73 19.03 -2.19
CA LEU C 141 -27.31 18.38 -3.45
C LEU C 141 -28.35 18.63 -4.54
N SER C 142 -27.94 18.53 -5.80
CA SER C 142 -28.90 18.68 -6.89
C SER C 142 -29.84 17.46 -6.99
N GLU C 143 -30.85 17.57 -7.85
CA GLU C 143 -31.77 16.46 -8.03
C GLU C 143 -31.02 15.20 -8.47
N GLU C 144 -30.21 15.31 -9.51
CA GLU C 144 -29.42 14.18 -9.98
C GLU C 144 -28.46 13.64 -8.91
N GLU C 145 -27.82 14.54 -8.16
CA GLU C 145 -26.89 14.11 -7.11
C GLU C 145 -27.62 13.35 -6.01
N ASN C 146 -28.83 13.80 -5.67
CA ASN C 146 -29.62 13.12 -4.65
C ASN C 146 -30.02 11.73 -5.13
N GLU C 147 -30.46 11.63 -6.38
CA GLU C 147 -30.85 10.34 -6.92
C GLU C 147 -29.69 9.34 -6.84
N GLN C 148 -28.50 9.81 -7.23
N GLN C 148 -28.50 9.80 -7.22
N GLN C 148 -28.50 9.79 -7.23
CA GLN C 148 -27.31 8.96 -7.22
CA GLN C 148 -27.32 8.93 -7.22
CA GLN C 148 -27.32 8.92 -7.22
C GLN C 148 -26.95 8.58 -5.80
C GLN C 148 -26.92 8.58 -5.80
C GLN C 148 -26.93 8.57 -5.79
N MET C 149 -27.00 9.56 -4.91
CA MET C 149 -26.60 9.34 -3.51
C MET C 149 -27.52 8.32 -2.85
N LYS C 150 -28.84 8.47 -3.02
CA LYS C 150 -29.76 7.51 -2.41
C LYS C 150 -29.55 6.11 -2.99
N ALA C 151 -29.35 6.04 -4.30
CA ALA C 151 -29.12 4.75 -4.94
C ALA C 151 -27.86 4.06 -4.40
N ASN C 152 -26.79 4.84 -4.30
CA ASN C 152 -25.52 4.30 -3.82
C ASN C 152 -25.58 3.89 -2.36
N LEU C 153 -26.23 4.72 -1.54
CA LEU C 153 -26.32 4.39 -0.12
C LEU C 153 -27.16 3.13 0.05
N THR C 154 -28.18 2.98 -0.77
CA THR C 154 -29.05 1.82 -0.72
C THR C 154 -28.25 0.57 -1.09
N LYS C 155 -27.40 0.67 -2.11
CA LYS C 155 -26.58 -0.45 -2.52
C LYS C 155 -25.57 -0.83 -1.44
N MET C 156 -24.95 0.19 -0.85
CA MET C 156 -23.98 -0.08 0.20
C MET C 156 -24.62 -0.69 1.43
N LEU C 157 -25.79 -0.19 1.81
CA LEU C 157 -26.50 -0.79 2.93
C LEU C 157 -26.74 -2.27 2.60
N SER C 158 -27.13 -2.55 1.37
CA SER C 158 -27.34 -3.94 0.95
C SER C 158 -26.08 -4.79 1.06
N SER C 159 -24.95 -4.22 0.65
CA SER C 159 -23.69 -4.95 0.68
C SER C 159 -23.29 -5.35 2.09
N LEU C 160 -23.77 -4.61 3.08
CA LEU C 160 -23.42 -4.85 4.47
C LEU C 160 -24.36 -5.88 5.11
N GLN C 161 -25.39 -6.26 4.37
CA GLN C 161 -26.51 -7.06 4.88
C GLN C 161 -27.00 -6.51 6.22
N GLU D 24 19.11 -24.75 -10.32
CA GLU D 24 19.57 -23.76 -9.36
C GLU D 24 20.59 -22.83 -10.03
N PHE D 25 20.14 -21.64 -10.41
CA PHE D 25 20.98 -20.64 -11.07
C PHE D 25 22.24 -20.36 -10.28
N THR D 26 23.29 -19.92 -10.96
CA THR D 26 24.48 -19.50 -10.27
C THR D 26 24.30 -18.05 -9.77
N TYR D 27 25.13 -17.65 -8.81
CA TYR D 27 25.18 -16.24 -8.41
C TYR D 27 25.62 -15.36 -9.59
N SER D 28 26.57 -15.83 -10.39
N SER D 28 26.57 -15.82 -10.40
CA SER D 28 27.00 -15.04 -11.55
CA SER D 28 27.00 -15.02 -11.54
C SER D 28 25.78 -14.71 -12.39
C SER D 28 25.80 -14.70 -12.42
N TYR D 29 24.99 -15.72 -12.71
CA TYR D 29 23.77 -15.51 -13.52
C TYR D 29 22.78 -14.59 -12.82
N LEU D 30 22.51 -14.86 -11.55
CA LEU D 30 21.53 -14.07 -10.80
C LEU D 30 21.92 -12.61 -10.72
N PHE D 31 23.17 -12.31 -10.37
CA PHE D 31 23.54 -10.89 -10.29
C PHE D 31 23.59 -10.20 -11.66
N ARG D 32 23.98 -10.94 -12.69
CA ARG D 32 24.00 -10.35 -14.03
C ARG D 32 22.59 -10.03 -14.51
N MET D 33 21.66 -10.95 -14.33
CA MET D 33 20.27 -10.72 -14.72
C MET D 33 19.63 -9.63 -13.89
N ILE D 34 19.91 -9.59 -12.58
CA ILE D 34 19.36 -8.53 -11.72
C ILE D 34 19.89 -7.18 -12.16
N SER D 35 21.18 -7.10 -12.47
CA SER D 35 21.74 -5.84 -13.00
C SER D 35 21.00 -5.39 -14.23
N HIS D 36 20.80 -6.32 -15.16
CA HIS D 36 20.12 -6.01 -16.40
C HIS D 36 18.69 -5.57 -16.16
N GLU D 37 17.97 -6.30 -15.31
CA GLU D 37 16.56 -6.02 -15.05
C GLU D 37 16.31 -4.77 -14.21
N MET D 38 17.23 -4.45 -13.31
N MET D 38 17.22 -4.46 -13.30
CA MET D 38 17.12 -3.18 -12.58
CA MET D 38 17.14 -3.20 -12.58
C MET D 38 17.27 -1.99 -13.51
C MET D 38 17.18 -2.04 -13.58
N LYS D 39 18.14 -2.11 -14.51
CA LYS D 39 18.31 -1.06 -15.52
C LYS D 39 17.06 -0.95 -16.39
N GLN D 40 16.52 -2.09 -16.80
CA GLN D 40 15.31 -2.10 -17.63
C GLN D 40 14.12 -1.50 -16.89
N LYS D 41 13.99 -1.86 -15.60
CA LYS D 41 12.88 -1.37 -14.78
C LYS D 41 13.00 0.15 -14.56
N ALA D 42 14.21 0.62 -14.25
CA ALA D 42 14.41 2.06 -14.08
C ALA D 42 14.05 2.80 -15.37
N ASP D 43 14.40 2.22 -16.52
CA ASP D 43 14.09 2.86 -17.80
C ASP D 43 12.59 2.90 -18.07
N GLN D 44 11.91 1.81 -17.70
CA GLN D 44 10.46 1.74 -17.83
C GLN D 44 9.78 2.79 -16.94
N LYS D 45 10.27 2.94 -15.72
CA LYS D 45 9.70 3.94 -14.82
C LYS D 45 10.00 5.36 -15.32
N LEU D 46 11.17 5.55 -15.90
CA LEU D 46 11.51 6.86 -16.46
C LEU D 46 10.59 7.17 -17.66
N GLU D 47 10.31 6.15 -18.46
CA GLU D 47 9.43 6.34 -19.61
C GLU D 47 8.00 6.71 -19.18
N GLN D 48 7.62 6.44 -17.93
CA GLN D 48 6.31 6.89 -17.45
C GLN D 48 6.23 8.42 -17.35
N PHE D 49 7.38 9.08 -17.25
CA PHE D 49 7.47 10.54 -17.28
C PHE D 49 7.66 11.01 -18.72
N ASP D 50 7.60 10.08 -19.68
CA ASP D 50 7.82 10.40 -21.12
C ASP D 50 9.23 10.94 -21.39
N ILE D 51 10.22 10.36 -20.71
CA ILE D 51 11.60 10.79 -20.80
C ILE D 51 12.44 9.57 -21.15
N THR D 52 13.37 9.73 -22.10
CA THR D 52 14.34 8.70 -22.42
C THR D 52 15.60 8.86 -21.57
N ASN D 53 16.41 7.81 -21.53
N ASN D 53 16.44 7.83 -21.53
CA ASN D 53 17.61 7.84 -20.71
CA ASN D 53 17.69 7.94 -20.81
C ASN D 53 18.58 8.97 -21.13
C ASN D 53 18.51 9.15 -21.28
N GLU D 54 18.63 9.27 -22.42
N GLU D 54 18.71 9.25 -22.59
CA GLU D 54 19.51 10.34 -22.86
CA GLU D 54 19.47 10.38 -23.14
C GLU D 54 18.90 11.72 -22.59
C GLU D 54 18.90 11.71 -22.67
N GLN D 55 17.57 11.83 -22.67
CA GLN D 55 16.93 13.07 -22.27
C GLN D 55 17.16 13.32 -20.78
N LYS D 56 17.11 12.26 -19.97
CA LYS D 56 17.35 12.42 -18.53
C LYS D 56 18.77 12.94 -18.29
N HIS D 57 19.73 12.40 -19.02
CA HIS D 57 21.12 12.83 -18.86
C HIS D 57 21.30 14.29 -19.28
N THR D 58 20.56 14.69 -20.32
CA THR D 58 20.61 16.08 -20.77
C THR D 58 20.03 17.01 -19.71
N LEU D 59 18.81 16.70 -19.25
CA LEU D 59 18.20 17.51 -18.18
C LEU D 59 19.11 17.58 -16.93
N GLY D 60 19.67 16.44 -16.56
CA GLY D 60 20.54 16.36 -15.38
C GLY D 60 21.81 17.18 -15.54
N TYR D 61 22.39 17.16 -16.75
CA TYR D 61 23.56 17.97 -17.00
C TYR D 61 23.24 19.46 -16.82
N LEU D 62 22.14 19.92 -17.41
CA LEU D 62 21.73 21.31 -17.23
C LEU D 62 21.48 21.63 -15.76
N TYR D 63 20.78 20.74 -15.07
CA TYR D 63 20.48 21.00 -13.65
C TYR D 63 21.77 21.26 -12.84
N ALA D 64 22.81 20.47 -13.12
CA ALA D 64 24.05 20.56 -12.38
C ALA D 64 24.99 21.66 -12.87
N HIS D 65 24.89 22.04 -14.15
CA HIS D 65 25.98 22.81 -14.74
C HIS D 65 25.57 24.09 -15.43
N GLN D 66 24.33 24.53 -15.26
CA GLN D 66 23.85 25.70 -16.04
C GLN D 66 24.22 27.08 -15.44
N GLN D 67 24.95 27.12 -14.33
N GLN D 67 24.91 27.13 -14.29
CA GLN D 67 25.08 28.36 -13.56
CA GLN D 67 25.07 28.41 -13.57
C GLN D 67 25.90 29.48 -14.23
C GLN D 67 25.73 29.52 -14.37
N ASP D 68 26.63 29.16 -15.29
CA ASP D 68 27.34 30.18 -16.04
C ASP D 68 26.83 30.42 -17.45
N GLY D 69 25.90 29.60 -17.91
CA GLY D 69 25.42 29.72 -19.28
C GLY D 69 26.09 28.69 -20.20
N LEU D 70 25.29 27.77 -20.72
CA LEU D 70 25.77 26.65 -21.53
C LEU D 70 25.22 26.78 -22.93
N THR D 71 26.08 26.62 -23.94
CA THR D 71 25.62 26.54 -25.31
C THR D 71 25.36 25.09 -25.72
N GLN D 72 24.75 24.90 -26.88
CA GLN D 72 24.55 23.55 -27.39
C GLN D 72 25.89 22.83 -27.56
N ASN D 73 26.88 23.56 -28.03
CA ASN D 73 28.20 23.00 -28.20
C ASN D 73 28.79 22.55 -26.86
N ASP D 74 28.59 23.34 -25.80
CA ASP D 74 29.09 22.93 -24.48
C ASP D 74 28.45 21.59 -24.08
N ILE D 75 27.14 21.50 -24.29
CA ILE D 75 26.37 20.31 -23.92
C ILE D 75 26.82 19.09 -24.74
N ALA D 76 26.96 19.24 -26.06
CA ALA D 76 27.44 18.15 -26.90
C ALA D 76 28.82 17.66 -26.45
N LYS D 77 29.71 18.58 -26.13
CA LYS D 77 31.05 18.19 -25.70
C LYS D 77 31.03 17.44 -24.38
N ALA D 78 30.18 17.89 -23.46
CA ALA D 78 30.08 17.27 -22.13
C ALA D 78 29.44 15.88 -22.17
N LEU D 79 28.42 15.73 -23.00
CA LEU D 79 27.68 14.49 -23.15
C LEU D 79 28.33 13.53 -24.15
N GLN D 80 29.33 14.03 -24.88
CA GLN D 80 30.00 13.28 -25.94
C GLN D 80 29.00 12.77 -26.98
N ARG D 81 28.22 13.70 -27.52
CA ARG D 81 27.19 13.39 -28.51
C ARG D 81 27.38 14.38 -29.64
N THR D 82 26.82 14.08 -30.81
CA THR D 82 26.97 14.98 -31.95
C THR D 82 26.07 16.19 -31.81
N GLY D 83 26.36 17.22 -32.61
CA GLY D 83 25.50 18.39 -32.67
C GLY D 83 24.05 18.07 -33.01
N PRO D 84 23.83 17.27 -34.06
CA PRO D 84 22.46 16.89 -34.41
C PRO D 84 21.73 16.15 -33.28
N THR D 85 22.41 15.26 -32.58
CA THR D 85 21.79 14.61 -31.45
C THR D 85 21.32 15.60 -30.40
N VAL D 86 22.23 16.51 -30.01
CA VAL D 86 21.90 17.50 -29.00
C VAL D 86 20.77 18.42 -29.51
N SER D 87 20.85 18.86 -30.75
CA SER D 87 19.81 19.73 -31.29
C SER D 87 18.42 19.10 -31.20
N ASN D 88 18.35 17.83 -31.57
CA ASN D 88 17.09 17.10 -31.55
C ASN D 88 16.58 16.90 -30.13
N LEU D 89 17.49 16.58 -29.21
CA LEU D 89 17.13 16.41 -27.79
C LEU D 89 16.52 17.69 -27.27
N LEU D 90 17.19 18.82 -27.52
CA LEU D 90 16.74 20.08 -26.95
C LEU D 90 15.42 20.55 -27.57
N ARG D 91 15.26 20.31 -28.87
N ARG D 91 15.25 20.33 -28.87
CA ARG D 91 14.02 20.67 -29.55
CA ARG D 91 13.98 20.70 -29.51
C ARG D 91 12.82 19.92 -28.97
C ARG D 91 12.85 19.95 -28.84
N ASN D 92 13.05 18.65 -28.64
CA ASN D 92 12.03 17.81 -28.01
C ASN D 92 11.68 18.31 -26.63
N LEU D 93 12.69 18.55 -25.81
CA LEU D 93 12.48 19.00 -24.44
C LEU D 93 11.86 20.39 -24.36
N GLU D 94 12.23 21.27 -25.30
CA GLU D 94 11.71 22.62 -25.34
C GLU D 94 10.21 22.66 -25.67
N ARG D 95 9.74 21.73 -26.51
CA ARG D 95 8.30 21.66 -26.83
C ARG D 95 7.47 21.43 -25.57
N LYS D 96 8.09 20.71 -24.61
CA LYS D 96 7.45 20.42 -23.33
C LYS D 96 7.74 21.48 -22.26
N LYS D 97 8.40 22.56 -22.67
N LYS D 97 8.43 22.54 -22.67
CA LYS D 97 8.78 23.66 -21.75
CA LYS D 97 8.78 23.66 -21.76
C LYS D 97 9.65 23.21 -20.59
C LYS D 97 9.67 23.22 -20.60
N LEU D 98 10.50 22.22 -20.83
CA LEU D 98 11.44 21.75 -19.82
C LEU D 98 12.79 22.44 -19.88
N ILE D 99 13.07 23.05 -21.04
N ILE D 99 13.07 23.09 -21.01
CA ILE D 99 14.28 23.85 -21.28
CA ILE D 99 14.25 23.93 -21.11
C ILE D 99 13.87 25.16 -21.93
C ILE D 99 13.84 25.19 -21.84
N TYR D 100 14.71 26.19 -21.78
CA TYR D 100 14.49 27.46 -22.46
C TYR D 100 15.83 27.97 -22.98
N ARG D 101 15.81 29.01 -23.80
CA ARG D 101 17.05 29.54 -24.36
C ARG D 101 17.05 31.05 -24.23
N TYR D 102 18.24 31.63 -24.16
CA TYR D 102 18.39 33.09 -24.05
C TYR D 102 19.70 33.51 -24.73
N VAL D 103 19.68 34.63 -25.45
N VAL D 103 19.70 34.63 -25.44
CA VAL D 103 20.85 35.02 -26.23
CA VAL D 103 20.86 35.00 -26.26
C VAL D 103 21.96 35.47 -25.29
C VAL D 103 21.98 35.64 -25.46
N ASP D 104 23.19 35.15 -25.67
CA ASP D 104 24.35 35.59 -24.89
C ASP D 104 24.79 36.99 -25.33
N ALA D 105 24.50 37.99 -24.51
CA ALA D 105 24.79 39.38 -24.84
C ALA D 105 26.29 39.64 -25.09
N GLN D 106 27.13 38.73 -24.62
CA GLN D 106 28.58 38.84 -24.81
C GLN D 106 29.02 38.17 -26.11
N ASP D 107 28.12 37.38 -26.69
CA ASP D 107 28.35 36.74 -27.98
C ASP D 107 27.01 36.38 -28.60
N THR D 108 26.42 37.33 -29.34
CA THR D 108 25.05 37.20 -29.83
C THR D 108 24.89 36.09 -30.87
N ARG D 109 26.00 35.49 -31.26
CA ARG D 109 25.94 34.38 -32.18
C ARG D 109 25.63 33.10 -31.43
N ARG D 110 25.46 33.21 -30.11
CA ARG D 110 25.26 32.02 -29.30
C ARG D 110 24.08 32.13 -28.38
N LYS D 111 23.35 31.04 -28.23
CA LYS D 111 22.29 30.99 -27.25
C LYS D 111 22.69 30.12 -26.09
N ASN D 112 22.35 30.60 -24.90
CA ASN D 112 22.46 29.82 -23.70
C ASN D 112 21.22 28.95 -23.53
N ILE D 113 21.43 27.78 -22.95
N ILE D 113 21.41 27.76 -22.97
CA ILE D 113 20.36 26.84 -22.72
CA ILE D 113 20.34 26.78 -22.79
C ILE D 113 20.18 26.70 -21.23
C ILE D 113 20.13 26.50 -21.31
N GLY D 114 18.94 26.78 -20.78
CA GLY D 114 18.68 26.56 -19.38
C GLY D 114 17.58 25.56 -19.12
N LEU D 115 17.56 25.07 -17.89
CA LEU D 115 16.51 24.19 -17.44
C LEU D 115 15.43 25.06 -16.79
N THR D 116 14.16 24.86 -17.15
CA THR D 116 13.07 25.65 -16.59
C THR D 116 12.67 25.22 -15.16
N THR D 117 11.82 26.01 -14.53
CA THR D 117 11.31 25.65 -13.20
C THR D 117 10.65 24.27 -13.24
N SER D 118 9.84 24.02 -14.27
CA SER D 118 9.18 22.71 -14.42
C SER D 118 10.20 21.62 -14.75
N GLY D 119 11.22 21.93 -15.53
CA GLY D 119 12.28 20.98 -15.81
C GLY D 119 13.03 20.56 -14.54
N ILE D 120 13.29 21.52 -13.67
CA ILE D 120 13.92 21.23 -12.38
C ILE D 120 13.03 20.32 -11.54
N LYS D 121 11.74 20.62 -11.49
CA LYS D 121 10.83 19.78 -10.71
C LYS D 121 10.78 18.39 -11.27
N LEU D 122 10.81 18.27 -12.59
CA LEU D 122 10.82 16.94 -13.19
C LEU D 122 12.08 16.16 -12.84
N VAL D 123 13.24 16.81 -12.94
CA VAL D 123 14.48 16.17 -12.55
C VAL D 123 14.43 15.73 -11.09
N GLU D 124 13.89 16.58 -10.24
CA GLU D 124 13.77 16.18 -8.82
C GLU D 124 12.86 14.95 -8.70
N ALA D 125 11.80 14.88 -9.50
CA ALA D 125 10.87 13.77 -9.44
C ALA D 125 11.50 12.44 -9.86
N PHE D 126 12.54 12.47 -10.69
CA PHE D 126 13.22 11.23 -11.10
C PHE D 126 13.77 10.43 -9.91
N THR D 127 14.02 11.10 -8.79
CA THR D 127 14.46 10.38 -7.59
C THR D 127 13.44 9.33 -7.13
N SER D 128 12.17 9.54 -7.42
CA SER D 128 11.14 8.57 -7.04
C SER D 128 11.40 7.21 -7.67
N ILE D 129 12.14 7.18 -8.76
CA ILE D 129 12.30 5.92 -9.44
C ILE D 129 13.12 5.00 -8.59
N PHE D 130 14.24 5.50 -8.09
CA PHE D 130 15.11 4.65 -7.31
CA PHE D 130 15.15 4.71 -7.27
C PHE D 130 14.47 4.33 -5.97
N ASP D 131 13.79 5.30 -5.38
CA ASP D 131 13.10 5.08 -4.11
C ASP D 131 12.01 4.03 -4.22
N GLU D 132 11.18 4.14 -5.24
CA GLU D 132 10.10 3.18 -5.45
C GLU D 132 10.65 1.78 -5.75
N MET D 133 11.71 1.68 -6.54
CA MET D 133 12.30 0.37 -6.81
C MET D 133 12.81 -0.27 -5.53
N GLU D 134 13.48 0.50 -4.69
CA GLU D 134 14.00 -0.05 -3.43
C GLU D 134 12.84 -0.52 -2.57
N GLN D 135 11.80 0.30 -2.47
CA GLN D 135 10.63 -0.05 -1.64
C GLN D 135 9.95 -1.32 -2.14
N THR D 136 9.86 -1.47 -3.46
CA THR D 136 9.27 -2.64 -4.06
C THR D 136 10.08 -3.92 -3.75
N LEU D 137 11.42 -3.84 -3.77
CA LEU D 137 12.26 -4.98 -3.41
C LEU D 137 12.11 -5.28 -1.94
N VAL D 138 12.20 -4.26 -1.10
CA VAL D 138 12.09 -4.46 0.35
C VAL D 138 10.74 -5.10 0.71
N SER D 139 9.69 -4.75 0.00
CA SER D 139 8.36 -5.25 0.32
C SER D 139 8.19 -6.73 0.01
N GLN D 140 9.17 -7.33 -0.67
CA GLN D 140 9.10 -8.75 -1.02
C GLN D 140 9.42 -9.66 0.15
N LEU D 141 9.99 -9.07 1.20
CA LEU D 141 10.56 -9.84 2.32
C LEU D 141 10.12 -9.25 3.66
N SER D 142 10.12 -10.06 4.70
CA SER D 142 9.88 -9.53 6.04
C SER D 142 11.06 -8.67 6.48
N GLU D 143 10.88 -7.88 7.53
CA GLU D 143 12.00 -7.09 8.04
C GLU D 143 13.20 -7.97 8.41
N GLU D 144 12.97 -9.10 9.09
CA GLU D 144 14.09 -9.96 9.43
C GLU D 144 14.78 -10.52 8.18
N GLU D 145 13.97 -10.94 7.21
CA GLU D 145 14.54 -11.51 5.96
C GLU D 145 15.34 -10.45 5.21
N ASN D 146 14.87 -9.21 5.21
CA ASN D 146 15.63 -8.13 4.57
C ASN D 146 16.96 -7.91 5.28
N GLU D 147 16.94 -7.91 6.62
CA GLU D 147 18.18 -7.71 7.35
C GLU D 147 19.15 -8.86 7.12
N GLN D 148 18.62 -10.09 7.05
CA GLN D 148 19.45 -11.26 6.76
C GLN D 148 20.05 -11.15 5.36
N MET D 149 19.21 -10.76 4.41
N MET D 149 19.19 -10.79 4.40
CA MET D 149 19.68 -10.69 3.04
CA MET D 149 19.63 -10.65 3.01
C MET D 149 20.73 -9.60 2.84
C MET D 149 20.75 -9.63 2.91
N LYS D 150 20.52 -8.43 3.46
CA LYS D 150 21.50 -7.36 3.34
C LYS D 150 22.80 -7.69 4.06
N ALA D 151 22.71 -8.37 5.20
CA ALA D 151 23.91 -8.80 5.92
C ALA D 151 24.71 -9.80 5.10
N ASN D 152 24.00 -10.75 4.48
CA ASN D 152 24.68 -11.76 3.67
C ASN D 152 25.19 -11.22 2.34
N LEU D 153 24.47 -10.27 1.73
CA LEU D 153 24.99 -9.59 0.54
C LEU D 153 26.25 -8.81 0.90
N THR D 154 26.28 -8.21 2.09
CA THR D 154 27.45 -7.45 2.51
C THR D 154 28.68 -8.38 2.66
N LYS D 155 28.45 -9.56 3.22
CA LYS D 155 29.50 -10.59 3.29
C LYS D 155 30.03 -10.96 1.90
N MET D 156 29.10 -11.18 0.97
CA MET D 156 29.48 -11.54 -0.39
C MET D 156 30.30 -10.43 -1.01
N LEU D 157 29.84 -9.18 -0.84
CA LEU D 157 30.55 -8.03 -1.40
C LEU D 157 31.97 -7.91 -0.82
N SER D 158 32.08 -8.08 0.48
CA SER D 158 33.38 -8.03 1.15
C SER D 158 34.36 -9.04 0.55
N SER D 159 33.86 -10.23 0.24
CA SER D 159 34.71 -11.32 -0.24
C SER D 159 35.29 -11.01 -1.62
N LEU D 160 34.63 -10.08 -2.32
CA LEU D 160 35.03 -9.76 -3.69
C LEU D 160 35.97 -8.55 -3.77
N GLN D 161 36.22 -7.90 -2.63
CA GLN D 161 37.03 -6.69 -2.62
C GLN D 161 38.48 -6.96 -2.99
S SO4 E . -36.59 8.13 9.77
O1 SO4 E . -37.46 8.67 10.81
O2 SO4 E . -36.88 8.82 8.50
O3 SO4 E . -35.22 8.38 10.18
O4 SO4 E . -36.80 6.70 9.61
S SO4 F . -8.63 -16.14 38.53
O1 SO4 F . -9.35 -17.11 39.36
O2 SO4 F . -9.28 -14.83 38.67
O3 SO4 F . -7.24 -16.02 38.96
O4 SO4 F . -8.69 -16.60 37.15
S SO4 G . 28.46 -24.79 5.73
O1 SO4 G . 27.03 -24.94 5.72
O2 SO4 G . 28.94 -23.45 5.42
O3 SO4 G . 29.02 -25.08 7.08
O4 SO4 G . 28.98 -25.75 4.78
S SO4 H . 44.92 -6.12 -32.14
O1 SO4 H . 45.56 -6.21 -30.83
O2 SO4 H . 43.73 -5.29 -32.13
O3 SO4 H . 44.55 -7.49 -32.55
O4 SO4 H . 45.90 -5.63 -33.11
S SO4 I . 46.49 -9.68 -39.26
O1 SO4 I . 45.90 -10.60 -38.30
O2 SO4 I . 46.02 -8.32 -38.97
O3 SO4 I . 46.01 -10.01 -40.61
O4 SO4 I . 47.94 -9.71 -39.23
C1 GOL J . 44.77 -8.20 -26.31
O1 GOL J . 44.03 -8.76 -27.41
C2 GOL J . 44.81 -9.18 -25.14
O2 GOL J . 45.47 -10.30 -25.63
C3 GOL J . 45.55 -8.64 -23.89
O3 GOL J . 45.73 -9.62 -22.86
H11 GOL J . 45.78 -7.97 -26.64
H12 GOL J . 44.30 -7.27 -25.98
HO1 GOL J . 43.95 -8.09 -28.12
H2 GOL J . 43.79 -9.44 -24.86
HO2 GOL J . 46.39 -10.05 -25.87
H31 GOL J . 46.53 -8.26 -24.18
H32 GOL J . 44.99 -7.80 -23.48
HO3 GOL J . 46.37 -10.29 -23.15
S SO4 K . -58.77 -7.06 23.98
O1 SO4 K . -60.09 -7.32 23.41
O2 SO4 K . -58.96 -6.83 25.41
O3 SO4 K . -57.93 -8.24 23.79
O4 SO4 K . -58.23 -5.86 23.34
S SO4 L . -47.85 -6.67 30.37
O1 SO4 L . -49.16 -7.28 30.61
O2 SO4 L . -47.63 -5.59 31.33
O3 SO4 L . -47.84 -6.14 29.01
O4 SO4 L . -46.80 -7.68 30.52
S SO4 M . -31.41 1.34 30.19
O1 SO4 M . -32.87 1.26 30.32
O2 SO4 M . -31.02 2.69 29.78
O3 SO4 M . -30.79 1.04 31.48
O4 SO4 M . -30.97 0.37 29.18
S SO4 N . -31.67 21.50 -7.81
O1 SO4 N . -31.35 22.67 -8.65
O2 SO4 N . -33.01 21.62 -7.28
O3 SO4 N . -30.70 21.49 -6.72
O4 SO4 N . -31.60 20.30 -8.61
S SO4 O . -43.65 11.79 40.51
O1 SO4 O . -44.53 10.72 40.95
O2 SO4 O . -43.94 13.00 41.26
O3 SO4 O . -42.26 11.37 40.76
O4 SO4 O . -43.86 12.05 39.08
S SO4 P . 26.72 -18.06 -15.85
O1 SO4 P . 25.38 -17.98 -16.44
O2 SO4 P . 27.17 -16.74 -15.42
O3 SO4 P . 27.65 -18.55 -16.86
O4 SO4 P . 26.71 -19.00 -14.71
S SO4 Q . 6.43 -2.01 -10.33
O1 SO4 Q . 5.20 -2.79 -10.27
O2 SO4 Q . 6.35 -0.89 -9.39
O3 SO4 Q . 7.56 -2.86 -10.00
O4 SO4 Q . 6.60 -1.47 -11.69
S SO4 R . 21.98 -17.28 15.06
O1 SO4 R . 21.80 -15.93 15.58
O2 SO4 R . 20.88 -18.14 15.51
O3 SO4 R . 23.26 -17.81 15.52
O4 SO4 R . 21.97 -17.24 13.60
C1 GOL S . 7.11 30.04 -14.89
O1 GOL S . 7.80 30.21 -16.14
C2 GOL S . 7.98 29.64 -13.66
O2 GOL S . 9.36 29.63 -13.91
C3 GOL S . 7.71 30.51 -12.42
O3 GOL S . 8.50 30.12 -11.30
H11 GOL S . 6.60 30.98 -14.65
H12 GOL S . 6.35 29.28 -15.03
HO1 GOL S . 7.16 30.41 -16.85
H2 GOL S . 7.68 28.62 -13.40
HO2 GOL S . 9.66 30.55 -14.07
H31 GOL S . 7.93 31.54 -12.67
H32 GOL S . 6.66 30.45 -12.17
HO3 GOL S . 9.07 29.36 -11.55
#